data_1IHT
#
_entry.id   1IHT
#
_cell.length_a   71.100
_cell.length_b   72.200
_cell.length_c   72.800
_cell.angle_alpha   90.00
_cell.angle_beta   100.60
_cell.angle_gamma   90.00
#
_symmetry.space_group_name_H-M   'C 1 2 1'
#
loop_
_entity.id
_entity.type
_entity.pdbx_description
1 polymer 'ALPHA-THROMBIN (SMALL SUBUNIT)'
2 polymer 'ALPHA-THROMBIN (LARGE SUBUNIT)'
3 polymer HIRUTONIN-6
4 water water
#
loop_
_entity_poly.entity_id
_entity_poly.type
_entity_poly.pdbx_seq_one_letter_code
_entity_poly.pdbx_strand_id
1 'polypeptide(L)' TFGSGEADCGLRPLFEKKSLEDKTERELLESYIDGR L
2 'polypeptide(L)'
;IVEGSDAEIGMSPWQVMLFRKSPQELLCGASLISDRWVLTAAHCLLYPPWDKNFTENDLLVRIGKHSRTRYERNIEKISM
LEKIYIHPRYNWRENLDRDIALMKLKKPVAFSDYIHPVCLPDRETAASLLQAGYKGRVTGWGNLKETWTANVGKGQPSVL
QVVNLPIVERPVCKDSTRIRITDNMFCAGYKPDEGKRGDACEGDSGGPFVMKSPFNNRWYQMGIVSWGEGCDRDGKYGFY
THVFRLKKWIQKVIDQFGE
;
H
3 'polypeptide(L)' (ACE)(DPN)P(A5R)(FBE)(FBE)DFEPIPL I
#
# COMPACT_ATOMS: atom_id res chain seq x y z
N GLY A 5 -11.56 3.18 -13.91
CA GLY A 5 -11.03 4.10 -12.90
C GLY A 5 -10.99 5.45 -13.56
N GLU A 6 -9.90 6.22 -13.48
CA GLU A 6 -9.74 7.38 -14.34
C GLU A 6 -10.26 8.70 -13.80
N ALA A 7 -11.20 9.32 -14.52
CA ALA A 7 -11.64 10.67 -14.23
C ALA A 7 -12.04 11.00 -12.82
N ASP A 8 -12.50 9.96 -12.16
CA ASP A 8 -13.01 10.09 -10.83
C ASP A 8 -12.09 9.57 -9.72
N CYS A 9 -10.85 9.29 -10.08
CA CYS A 9 -9.94 8.71 -9.12
C CYS A 9 -9.72 9.60 -7.90
N GLY A 10 -9.52 8.92 -6.77
CA GLY A 10 -9.07 9.60 -5.59
C GLY A 10 -10.12 10.41 -4.88
N LEU A 11 -11.40 10.34 -5.30
CA LEU A 11 -12.48 11.03 -4.59
C LEU A 11 -13.35 9.96 -3.95
N ARG A 12 -13.32 9.89 -2.63
CA ARG A 12 -13.98 8.82 -1.90
C ARG A 12 -15.49 9.03 -1.80
N PRO A 13 -16.32 8.03 -2.17
CA PRO A 13 -17.79 8.09 -2.08
C PRO A 13 -18.25 8.56 -0.71
N LEU A 14 -17.69 8.07 0.40
CA LEU A 14 -18.20 8.47 1.69
C LEU A 14 -17.52 9.69 2.27
N PHE A 15 -16.53 10.34 1.63
CA PHE A 15 -15.90 11.51 2.28
C PHE A 15 -15.87 12.67 1.27
N GLU A 16 -14.94 12.80 0.29
CA GLU A 16 -14.88 13.94 -0.61
C GLU A 16 -16.17 14.18 -1.37
N LYS A 17 -16.80 13.13 -1.88
CA LYS A 17 -18.05 13.28 -2.61
C LYS A 17 -19.22 13.79 -1.77
N LYS A 18 -19.16 13.67 -0.45
CA LYS A 18 -20.16 14.15 0.47
C LYS A 18 -19.68 15.37 1.23
N SER A 19 -18.46 15.82 0.94
CA SER A 19 -17.80 16.90 1.66
C SER A 19 -17.64 16.60 3.16
N LEU A 20 -17.37 15.33 3.51
CA LEU A 20 -17.11 14.97 4.90
C LEU A 20 -15.63 14.68 5.01
N GLU A 21 -15.00 15.00 6.13
CA GLU A 21 -13.58 14.77 6.31
C GLU A 21 -13.38 13.56 7.21
N ASP A 22 -12.33 12.75 7.01
CA ASP A 22 -12.07 11.74 8.00
C ASP A 22 -11.33 12.39 9.17
N LYS A 23 -11.22 11.61 10.21
CA LYS A 23 -10.66 12.02 11.48
C LYS A 23 -9.23 12.49 11.48
N THR A 24 -8.35 12.06 10.56
CA THR A 24 -6.99 12.57 10.66
C THR A 24 -6.50 13.21 9.38
N GLU A 25 -7.31 13.45 8.35
CA GLU A 25 -6.72 14.02 7.16
C GLU A 25 -6.23 15.45 7.34
N ARG A 26 -6.70 16.24 8.30
CA ARG A 26 -6.19 17.60 8.49
C ARG A 26 -4.72 17.55 8.89
N GLU A 27 -4.25 16.53 9.61
CA GLU A 27 -2.83 16.34 9.93
C GLU A 27 -1.97 16.32 8.67
N LEU A 28 -2.46 15.69 7.60
CA LEU A 28 -1.72 15.63 6.36
C LEU A 28 -1.73 17.00 5.73
N LEU A 29 -2.89 17.64 5.64
CA LEU A 29 -2.96 18.94 5.00
C LEU A 29 -2.21 20.01 5.75
N GLU A 30 -2.17 19.92 7.07
CA GLU A 30 -1.45 20.86 7.88
C GLU A 30 0.06 20.71 7.70
N SER A 31 0.60 19.57 7.25
CA SER A 31 2.04 19.48 7.10
C SER A 31 2.48 19.99 5.73
N TYR A 32 1.57 20.32 4.81
CA TYR A 32 1.99 20.71 3.47
C TYR A 32 2.23 22.21 3.43
N ILE A 33 3.24 22.60 4.20
CA ILE A 33 3.66 23.96 4.42
C ILE A 33 4.36 24.61 3.21
N ASP A 34 5.01 23.92 2.43
N ILE B 1 0.54 -2.73 10.75
CA ILE B 1 0.78 -1.32 11.01
C ILE B 1 1.01 -1.26 12.51
N VAL B 2 2.06 -0.57 12.94
CA VAL B 2 2.44 -0.43 14.33
C VAL B 2 2.11 1.00 14.69
N GLU B 3 1.42 1.16 15.83
CA GLU B 3 1.04 2.45 16.40
C GLU B 3 0.09 3.25 15.51
N GLY B 4 -0.78 2.54 14.76
CA GLY B 4 -1.78 3.21 13.95
C GLY B 4 -3.13 3.09 14.66
N SER B 5 -4.26 3.38 14.03
CA SER B 5 -5.54 3.16 14.65
C SER B 5 -6.43 2.52 13.61
N ASP B 6 -7.61 2.07 14.03
CA ASP B 6 -8.57 1.45 13.13
C ASP B 6 -9.00 2.44 12.06
N ALA B 7 -9.13 1.95 10.84
CA ALA B 7 -9.60 2.81 9.78
C ALA B 7 -11.10 3.04 9.93
N GLU B 8 -11.56 4.19 9.42
CA GLU B 8 -12.97 4.44 9.31
C GLU B 8 -13.52 3.65 8.13
N ILE B 9 -14.80 3.32 8.12
CA ILE B 9 -15.42 2.63 6.99
C ILE B 9 -15.29 3.50 5.74
N GLY B 10 -14.89 2.95 4.60
CA GLY B 10 -14.77 3.68 3.34
C GLY B 10 -13.59 4.64 3.27
N MET B 11 -12.69 4.71 4.26
CA MET B 11 -11.56 5.62 4.30
C MET B 11 -10.49 5.33 3.24
N SER B 12 -10.25 4.07 2.86
CA SER B 12 -9.31 3.72 1.79
C SER B 12 -10.00 2.74 0.86
N PRO B 13 -10.91 3.19 -0.01
CA PRO B 13 -11.66 2.31 -0.89
C PRO B 13 -10.84 1.66 -1.98
N TRP B 14 -9.60 2.05 -2.16
CA TRP B 14 -8.67 1.48 -3.14
C TRP B 14 -7.86 0.35 -2.50
N GLN B 15 -7.93 0.12 -1.18
CA GLN B 15 -7.15 -0.93 -0.53
C GLN B 15 -7.61 -2.31 -1.00
N VAL B 16 -6.70 -3.19 -1.42
CA VAL B 16 -6.98 -4.54 -1.91
C VAL B 16 -6.24 -5.52 -0.99
N MET B 17 -6.79 -6.72 -0.77
CA MET B 17 -6.15 -7.79 -0.01
C MET B 17 -5.72 -8.84 -1.01
N LEU B 18 -4.45 -9.22 -1.09
CA LEU B 18 -3.99 -10.31 -1.95
C LEU B 18 -4.14 -11.56 -1.10
N PHE B 19 -4.88 -12.57 -1.57
CA PHE B 19 -5.23 -13.70 -0.73
C PHE B 19 -4.87 -15.01 -1.40
N ARG B 20 -4.15 -15.83 -0.65
CA ARG B 20 -3.73 -17.13 -1.13
C ARG B 20 -4.88 -18.15 -1.06
N LYS B 21 -5.09 -18.89 -2.15
CA LYS B 21 -6.11 -19.92 -2.14
C LYS B 21 -5.81 -21.09 -1.20
N SER B 22 -4.59 -21.62 -1.16
CA SER B 22 -4.32 -22.77 -0.33
C SER B 22 -2.90 -22.73 0.23
N PRO B 23 -2.70 -22.64 1.55
CA PRO B 23 -3.73 -22.35 2.54
C PRO B 23 -4.35 -20.97 2.38
N GLN B 24 -5.60 -20.79 2.81
CA GLN B 24 -6.29 -19.52 2.70
C GLN B 24 -5.63 -18.63 3.72
N GLU B 25 -4.90 -17.62 3.27
CA GLU B 25 -4.22 -16.71 4.17
C GLU B 25 -3.88 -15.40 3.47
N LEU B 26 -3.63 -14.36 4.27
CA LEU B 26 -3.26 -13.07 3.73
C LEU B 26 -1.87 -13.22 3.17
N LEU B 27 -1.70 -12.67 1.96
CA LEU B 27 -0.42 -12.60 1.30
C LEU B 27 0.21 -11.20 1.48
N CYS B 28 -0.47 -10.14 1.00
CA CYS B 28 0.06 -8.79 0.95
C CYS B 28 -1.11 -7.83 0.79
N GLY B 29 -0.85 -6.52 0.91
CA GLY B 29 -1.82 -5.51 0.54
C GLY B 29 -1.59 -5.20 -0.94
N ALA B 30 -2.41 -4.32 -1.49
CA ALA B 30 -2.35 -3.94 -2.88
C ALA B 30 -3.29 -2.75 -3.06
N SER B 31 -3.41 -2.14 -4.24
CA SER B 31 -4.32 -1.01 -4.43
C SER B 31 -4.99 -1.07 -5.79
N LEU B 32 -6.24 -0.55 -5.84
CA LEU B 32 -7.01 -0.59 -7.05
C LEU B 32 -6.73 0.72 -7.79
N ILE B 33 -6.19 0.65 -9.04
CA ILE B 33 -5.90 1.88 -9.79
C ILE B 33 -6.84 2.06 -11.01
N SER B 34 -7.66 1.07 -11.36
CA SER B 34 -8.74 1.25 -12.32
C SER B 34 -9.71 0.09 -12.09
N ASP B 35 -10.72 -0.11 -12.95
CA ASP B 35 -11.64 -1.19 -12.67
C ASP B 35 -11.05 -2.54 -12.97
N ARG B 36 -9.88 -2.68 -13.61
CA ARG B 36 -9.32 -4.02 -13.75
C ARG B 36 -7.81 -4.18 -13.61
N TRP B 37 -7.17 -3.22 -12.96
CA TRP B 37 -5.73 -3.21 -12.71
C TRP B 37 -5.43 -2.96 -11.22
N VAL B 38 -4.66 -3.87 -10.61
CA VAL B 38 -4.27 -3.75 -9.22
C VAL B 38 -2.74 -3.55 -9.17
N LEU B 39 -2.22 -2.69 -8.30
CA LEU B 39 -0.79 -2.40 -8.19
C LEU B 39 -0.31 -3.01 -6.89
N THR B 40 0.83 -3.70 -6.86
CA THR B 40 1.33 -4.26 -5.61
C THR B 40 2.86 -4.25 -5.67
N ALA B 41 3.57 -4.73 -4.65
CA ALA B 41 5.03 -4.86 -4.71
C ALA B 41 5.38 -6.20 -5.38
N ALA B 42 6.42 -6.26 -6.23
CA ALA B 42 6.85 -7.50 -6.92
C ALA B 42 7.29 -8.63 -5.97
N HIS B 43 7.81 -8.25 -4.80
CA HIS B 43 8.28 -9.27 -3.88
C HIS B 43 7.12 -10.05 -3.25
N CYS B 44 5.87 -9.52 -3.32
CA CYS B 44 4.72 -10.27 -2.83
C CYS B 44 4.52 -11.52 -3.69
N LEU B 45 4.95 -11.45 -4.96
CA LEU B 45 4.76 -12.52 -5.92
C LEU B 45 6.02 -13.34 -6.23
N LEU B 46 7.19 -12.71 -6.26
CA LEU B 46 8.42 -13.36 -6.66
C LEU B 46 9.51 -12.95 -5.72
N TYR B 47 10.00 -13.90 -4.94
CA TYR B 47 11.13 -13.64 -4.04
C TYR B 47 11.88 -14.97 -3.87
N PRO B 48 12.76 -15.33 -4.82
CA PRO B 48 13.52 -16.60 -4.77
C PRO B 48 14.29 -16.89 -3.48
N PRO B 49 14.87 -15.99 -2.68
CA PRO B 49 15.46 -16.30 -1.39
C PRO B 49 14.58 -17.08 -0.44
N TRP B 50 13.27 -16.84 -0.50
CA TRP B 50 12.33 -17.51 0.37
C TRP B 50 11.49 -18.46 -0.45
N ASP B 51 11.94 -18.84 -1.65
CA ASP B 51 11.19 -19.66 -2.59
C ASP B 51 9.77 -19.19 -2.89
N LYS B 52 9.46 -17.90 -2.95
CA LYS B 52 8.12 -17.48 -3.37
C LYS B 52 8.12 -17.24 -4.87
N ASN B 53 7.16 -17.79 -5.62
CA ASN B 53 7.01 -17.52 -7.03
C ASN B 53 5.54 -17.86 -7.29
N PHE B 54 4.59 -16.96 -7.05
CA PHE B 54 3.18 -17.26 -7.26
C PHE B 54 2.74 -16.97 -8.68
N THR B 55 1.81 -17.73 -9.23
CA THR B 55 1.25 -17.45 -10.53
C THR B 55 -0.21 -17.06 -10.34
N GLU B 56 -0.88 -16.66 -11.41
CA GLU B 56 -2.28 -16.26 -11.40
C GLU B 56 -3.22 -17.21 -10.68
N ASN B 57 -3.07 -18.50 -10.88
CA ASN B 57 -3.99 -19.45 -10.31
C ASN B 57 -3.79 -19.68 -8.83
N ASP B 58 -2.72 -19.14 -8.24
CA ASP B 58 -2.50 -19.31 -6.81
C ASP B 58 -3.23 -18.32 -5.91
N LEU B 59 -3.79 -17.25 -6.51
CA LEU B 59 -4.25 -16.11 -5.73
C LEU B 59 -5.61 -15.60 -6.13
N LEU B 60 -6.25 -14.91 -5.20
CA LEU B 60 -7.48 -14.16 -5.40
C LEU B 60 -7.24 -12.73 -4.89
N VAL B 61 -7.89 -11.69 -5.43
CA VAL B 61 -7.78 -10.39 -4.81
C VAL B 61 -9.15 -10.11 -4.17
N ARG B 62 -9.17 -9.59 -2.95
CA ARG B 62 -10.39 -9.24 -2.27
C ARG B 62 -10.42 -7.72 -2.09
N ILE B 63 -11.47 -7.09 -2.63
CA ILE B 63 -11.64 -5.65 -2.69
C ILE B 63 -12.83 -5.16 -1.88
N GLY B 64 -12.76 -4.01 -1.19
CA GLY B 64 -13.86 -3.42 -0.44
C GLY B 64 -13.89 -3.89 1.01
N LYS B 65 -12.80 -4.47 1.50
CA LYS B 65 -12.77 -5.06 2.82
C LYS B 65 -12.43 -4.09 3.93
N HIS B 66 -12.77 -4.51 5.16
CA HIS B 66 -12.46 -3.73 6.35
C HIS B 66 -11.98 -4.74 7.40
N SER B 67 -12.79 -5.75 7.70
CA SER B 67 -12.40 -6.80 8.62
C SER B 67 -11.31 -7.62 7.94
N ARG B 68 -10.24 -8.02 8.65
CA ARG B 68 -9.20 -8.87 8.09
C ARG B 68 -9.71 -10.26 7.72
N THR B 69 -10.36 -10.96 8.68
CA THR B 69 -10.78 -12.34 8.46
C THR B 69 -12.20 -12.67 8.03
N ARG B 70 -13.17 -11.79 8.24
CA ARG B 70 -14.56 -12.07 7.92
C ARG B 70 -14.81 -12.12 6.42
N TYR B 71 -15.60 -13.03 5.86
CA TYR B 71 -15.99 -12.87 4.47
C TYR B 71 -17.12 -11.80 4.50
N GLU B 72 -16.86 -10.54 4.15
CA GLU B 72 -17.85 -9.46 4.20
C GLU B 72 -18.89 -9.48 3.09
N ARG B 73 -19.87 -10.38 3.31
CA ARG B 73 -21.01 -10.65 2.44
C ARG B 73 -21.73 -9.35 2.10
N ASN B 74 -21.98 -9.22 0.78
CA ASN B 74 -22.60 -8.05 0.19
C ASN B 74 -21.73 -6.78 0.17
N ILE B 75 -20.51 -6.75 0.72
CA ILE B 75 -19.65 -5.56 0.67
C ILE B 75 -18.41 -5.88 -0.18
N GLU B 76 -17.63 -6.90 0.16
CA GLU B 76 -16.41 -7.15 -0.58
C GLU B 76 -16.66 -7.87 -1.90
N LYS B 77 -15.81 -7.70 -2.92
CA LYS B 77 -15.86 -8.43 -4.18
C LYS B 77 -14.53 -9.23 -4.27
N ILE B 78 -14.58 -10.43 -4.82
CA ILE B 78 -13.41 -11.31 -4.93
C ILE B 78 -13.14 -11.47 -6.42
N SER B 79 -11.93 -11.25 -6.93
CA SER B 79 -11.68 -11.43 -8.34
C SER B 79 -10.48 -12.34 -8.54
N MET B 80 -10.51 -13.00 -9.68
CA MET B 80 -9.45 -13.89 -10.10
C MET B 80 -8.57 -13.11 -11.06
N LEU B 81 -7.32 -13.51 -11.22
CA LEU B 81 -6.38 -12.79 -12.05
C LEU B 81 -6.28 -13.42 -13.41
N GLU B 82 -6.18 -12.56 -14.41
CA GLU B 82 -5.96 -12.98 -15.76
C GLU B 82 -4.44 -13.02 -15.97
N LYS B 83 -3.68 -11.98 -15.54
CA LYS B 83 -2.25 -11.97 -15.75
C LYS B 83 -1.49 -11.07 -14.78
N ILE B 84 -0.30 -11.48 -14.38
CA ILE B 84 0.59 -10.77 -13.48
C ILE B 84 1.73 -10.17 -14.30
N TYR B 85 2.24 -8.98 -14.05
CA TYR B 85 3.36 -8.39 -14.77
C TYR B 85 4.28 -7.84 -13.69
N ILE B 86 5.54 -8.27 -13.68
CA ILE B 86 6.53 -7.84 -12.71
C ILE B 86 7.50 -6.96 -13.46
N HIS B 87 8.03 -5.88 -12.87
CA HIS B 87 8.97 -5.02 -13.57
C HIS B 87 10.15 -5.87 -14.07
N PRO B 88 10.56 -5.84 -15.36
CA PRO B 88 11.63 -6.68 -15.89
C PRO B 88 12.95 -6.45 -15.16
N ARG B 89 13.18 -5.30 -14.56
CA ARG B 89 14.41 -5.04 -13.83
C ARG B 89 14.24 -4.97 -12.30
N TYR B 90 13.22 -5.61 -11.77
CA TYR B 90 13.04 -5.76 -10.32
C TYR B 90 14.31 -6.44 -9.79
N ASN B 91 14.99 -5.85 -8.81
CA ASN B 91 16.20 -6.44 -8.30
C ASN B 91 15.99 -7.15 -6.96
N TRP B 92 15.57 -8.41 -7.03
CA TRP B 92 15.37 -9.18 -5.82
C TRP B 92 16.71 -9.66 -5.25
N ARG B 93 17.83 -9.58 -5.97
CA ARG B 93 19.11 -10.07 -5.46
C ARG B 93 19.73 -9.14 -4.45
N GLU B 94 19.66 -7.85 -4.65
CA GLU B 94 20.33 -6.97 -3.75
C GLU B 94 19.45 -6.11 -2.84
N ASN B 95 18.59 -5.25 -3.39
CA ASN B 95 17.99 -4.22 -2.57
C ASN B 95 16.53 -3.95 -2.85
N LEU B 96 15.83 -4.84 -3.57
CA LEU B 96 14.42 -4.70 -3.96
C LEU B 96 14.15 -3.40 -4.74
N ASP B 97 15.09 -3.09 -5.63
CA ASP B 97 14.99 -1.91 -6.46
C ASP B 97 13.93 -2.24 -7.51
N ARG B 98 13.06 -1.27 -7.79
CA ARG B 98 11.96 -1.41 -8.75
C ARG B 98 11.00 -2.51 -8.28
N ASP B 99 10.62 -2.40 -7.02
CA ASP B 99 9.75 -3.40 -6.45
C ASP B 99 8.28 -3.07 -6.79
N ILE B 100 7.79 -3.47 -7.96
CA ILE B 100 6.45 -3.09 -8.41
C ILE B 100 5.96 -4.16 -9.36
N ALA B 101 4.67 -4.50 -9.27
CA ALA B 101 4.04 -5.42 -10.18
C ALA B 101 2.60 -4.94 -10.39
N LEU B 102 2.05 -5.28 -11.55
CA LEU B 102 0.67 -5.00 -11.96
C LEU B 102 -0.04 -6.32 -12.17
N MET B 103 -1.32 -6.37 -11.84
CA MET B 103 -2.15 -7.55 -11.99
C MET B 103 -3.43 -7.17 -12.74
N LYS B 104 -3.74 -7.84 -13.85
CA LYS B 104 -4.96 -7.61 -14.63
C LYS B 104 -6.00 -8.60 -14.11
N LEU B 105 -7.16 -8.06 -13.75
CA LEU B 105 -8.25 -8.88 -13.25
C LEU B 105 -8.98 -9.54 -14.40
N LYS B 106 -9.49 -10.74 -14.17
CA LYS B 106 -10.23 -11.49 -15.15
C LYS B 106 -11.41 -10.70 -15.69
N LYS B 107 -12.19 -10.00 -14.85
CA LYS B 107 -13.34 -9.19 -15.27
C LYS B 107 -13.31 -7.87 -14.51
N PRO B 108 -13.81 -6.74 -15.02
CA PRO B 108 -13.86 -5.46 -14.32
C PRO B 108 -14.65 -5.58 -13.04
N VAL B 109 -14.25 -4.81 -12.04
CA VAL B 109 -14.94 -4.77 -10.77
C VAL B 109 -15.84 -3.54 -10.89
N ALA B 110 -17.02 -3.66 -10.30
CA ALA B 110 -17.91 -2.52 -10.24
C ALA B 110 -17.57 -1.67 -9.02
N PHE B 111 -17.59 -0.36 -9.18
CA PHE B 111 -17.27 0.49 -8.05
C PHE B 111 -18.45 0.63 -7.10
N SER B 112 -18.25 1.11 -5.88
CA SER B 112 -19.32 1.24 -4.92
C SER B 112 -18.80 2.21 -3.88
N ASP B 113 -19.55 2.40 -2.80
CA ASP B 113 -19.11 3.22 -1.68
C ASP B 113 -17.82 2.74 -1.03
N TYR B 114 -17.55 1.43 -1.15
CA TYR B 114 -16.42 0.81 -0.46
C TYR B 114 -15.29 0.44 -1.42
N ILE B 115 -15.49 0.57 -2.73
CA ILE B 115 -14.55 0.14 -3.77
C ILE B 115 -14.40 1.32 -4.74
N HIS B 116 -13.23 1.96 -4.80
CA HIS B 116 -13.06 3.10 -5.68
C HIS B 116 -11.57 3.25 -5.94
N PRO B 117 -11.08 3.57 -7.14
CA PRO B 117 -9.64 3.64 -7.42
C PRO B 117 -8.93 4.91 -6.93
N VAL B 118 -7.64 4.79 -6.63
CA VAL B 118 -6.78 5.88 -6.20
C VAL B 118 -6.15 6.50 -7.46
N CYS B 119 -5.70 7.75 -7.41
CA CYS B 119 -5.04 8.31 -8.60
C CYS B 119 -3.54 8.04 -8.58
N LEU B 120 -2.92 7.95 -9.76
CA LEU B 120 -1.47 7.82 -9.87
C LEU B 120 -0.91 9.22 -10.08
N PRO B 121 0.22 9.61 -9.48
CA PRO B 121 0.77 10.95 -9.63
C PRO B 121 1.25 11.33 -11.04
N ASP B 122 1.12 12.62 -11.33
CA ASP B 122 1.71 13.24 -12.50
C ASP B 122 3.00 13.93 -12.03
N ARG B 123 3.89 14.41 -12.92
CA ARG B 123 5.14 15.04 -12.50
C ARG B 123 5.02 16.16 -11.50
N GLU B 124 4.03 16.99 -11.73
CA GLU B 124 3.88 18.16 -10.91
C GLU B 124 3.28 17.85 -9.55
N THR B 125 2.35 16.90 -9.40
CA THR B 125 1.87 16.56 -8.05
C THR B 125 3.06 15.92 -7.33
N ALA B 126 3.86 15.05 -7.98
CA ALA B 126 4.99 14.42 -7.32
C ALA B 126 5.96 15.47 -6.81
N ALA B 127 6.24 16.44 -7.67
CA ALA B 127 7.14 17.52 -7.33
C ALA B 127 6.72 18.36 -6.12
N SER B 128 5.45 18.76 -6.06
CA SER B 128 5.01 19.59 -4.96
C SER B 128 4.83 18.83 -3.67
N LEU B 129 4.51 17.55 -3.77
CA LEU B 129 4.17 16.86 -2.55
C LEU B 129 5.24 15.96 -2.00
N LEU B 130 6.14 15.41 -2.80
CA LEU B 130 7.10 14.50 -2.22
C LEU B 130 8.25 15.30 -1.65
N GLN B 131 8.04 15.81 -0.45
CA GLN B 131 8.98 16.67 0.23
C GLN B 131 9.14 16.25 1.67
N ALA B 132 10.38 16.35 2.18
CA ALA B 132 10.69 15.95 3.54
C ALA B 132 9.86 16.80 4.47
N GLY B 133 9.22 16.16 5.45
CA GLY B 133 8.34 16.88 6.32
C GLY B 133 6.88 16.68 5.96
N TYR B 134 6.51 16.47 4.70
CA TYR B 134 5.11 16.29 4.35
C TYR B 134 4.69 14.91 4.74
N LYS B 135 3.49 14.74 5.29
CA LYS B 135 3.00 13.43 5.68
C LYS B 135 2.13 12.76 4.65
N GLY B 136 2.22 11.43 4.61
CA GLY B 136 1.37 10.63 3.77
C GLY B 136 0.75 9.58 4.67
N ARG B 137 -0.04 8.63 4.16
CA ARG B 137 -0.80 7.71 4.97
C ARG B 137 -0.60 6.32 4.44
N VAL B 138 -0.41 5.36 5.36
CA VAL B 138 -0.20 3.96 4.97
C VAL B 138 -1.32 3.14 5.57
N THR B 139 -1.82 2.10 4.90
CA THR B 139 -2.87 1.26 5.45
C THR B 139 -2.57 -0.22 5.26
N GLY B 140 -3.05 -1.07 6.14
CA GLY B 140 -2.87 -2.49 5.95
C GLY B 140 -3.36 -3.35 7.12
N TRP B 141 -3.43 -4.68 6.88
CA TRP B 141 -3.87 -5.66 7.84
C TRP B 141 -2.67 -6.43 8.42
N GLY B 142 -1.46 -5.91 8.30
CA GLY B 142 -0.28 -6.54 8.84
C GLY B 142 -0.18 -6.44 10.35
N ASN B 143 0.93 -6.94 10.84
CA ASN B 143 1.16 -7.04 12.26
C ASN B 143 1.26 -5.70 12.92
N LEU B 144 0.81 -5.77 14.18
CA LEU B 144 0.69 -4.62 15.06
C LEU B 144 1.96 -4.35 15.83
N LYS B 145 2.89 -5.29 15.82
CA LYS B 145 4.17 -5.11 16.45
C LYS B 145 5.09 -6.15 15.87
N GLU B 146 6.36 -5.81 15.94
CA GLU B 146 7.40 -6.62 15.32
C GLU B 146 7.48 -8.09 15.78
N THR B 147 7.42 -8.30 17.09
CA THR B 147 7.65 -9.62 17.62
C THR B 147 6.37 -10.38 17.96
N TRP B 148 6.09 -10.78 19.20
CA TRP B 148 4.93 -11.63 19.48
C TRP B 148 5.31 -13.05 19.09
N THR B 149 5.56 -13.26 17.79
CA THR B 149 5.98 -14.55 17.24
C THR B 149 4.87 -15.56 17.46
N ALA B 150 5.22 -16.84 17.64
CA ALA B 150 4.21 -17.84 17.94
C ALA B 150 4.10 -17.94 19.47
N ASN B 151 3.79 -16.83 20.14
CA ASN B 151 3.72 -16.83 21.59
C ASN B 151 2.38 -16.30 22.08
N VAL B 152 2.42 -15.24 22.87
CA VAL B 152 1.22 -14.65 23.46
C VAL B 152 1.12 -13.19 23.05
N GLY B 153 -0.08 -12.64 23.00
CA GLY B 153 -0.28 -11.24 22.62
C GLY B 153 -1.11 -11.08 21.35
N LYS B 154 -1.04 -12.02 20.40
CA LYS B 154 -1.82 -11.92 19.17
C LYS B 154 -1.05 -11.08 18.17
N GLY B 155 -1.32 -9.78 18.04
CA GLY B 155 -0.56 -8.93 17.13
C GLY B 155 -1.08 -8.84 15.70
N GLN B 156 -2.16 -9.48 15.29
CA GLN B 156 -2.73 -9.31 13.95
C GLN B 156 -4.01 -8.52 14.18
N PRO B 157 -4.39 -7.47 13.43
CA PRO B 157 -5.50 -6.59 13.77
C PRO B 157 -6.84 -7.20 13.40
N SER B 158 -7.90 -6.69 13.99
CA SER B 158 -9.22 -7.12 13.61
C SER B 158 -9.65 -6.39 12.34
N VAL B 159 -9.43 -5.09 12.22
CA VAL B 159 -9.80 -4.38 11.01
C VAL B 159 -8.60 -3.61 10.43
N LEU B 160 -8.79 -3.06 9.22
CA LEU B 160 -7.80 -2.24 8.53
C LEU B 160 -7.26 -1.19 9.45
N GLN B 161 -5.93 -1.07 9.50
CA GLN B 161 -5.27 -0.08 10.34
C GLN B 161 -4.73 1.03 9.45
N VAL B 162 -4.49 2.20 9.98
CA VAL B 162 -4.03 3.34 9.20
C VAL B 162 -3.02 4.05 10.07
N VAL B 163 -1.98 4.66 9.50
CA VAL B 163 -1.05 5.52 10.24
C VAL B 163 -0.60 6.63 9.29
N ASN B 164 -0.32 7.86 9.75
CA ASN B 164 0.12 8.98 8.93
C ASN B 164 1.58 9.18 9.28
N LEU B 165 2.50 9.30 8.35
CA LEU B 165 3.94 9.32 8.60
C LEU B 165 4.60 10.37 7.75
N PRO B 166 5.60 11.15 8.19
CA PRO B 166 6.29 12.14 7.37
C PRO B 166 7.36 11.57 6.46
N ILE B 167 7.53 12.11 5.27
CA ILE B 167 8.61 11.71 4.37
C ILE B 167 9.93 12.20 5.02
N VAL B 168 11.00 11.42 4.99
CA VAL B 168 12.27 11.79 5.62
C VAL B 168 13.26 12.17 4.51
N GLU B 169 14.20 13.08 4.77
CA GLU B 169 15.17 13.50 3.76
C GLU B 169 16.12 12.38 3.42
N ARG B 170 16.46 12.30 2.15
CA ARG B 170 17.25 11.19 1.63
C ARG B 170 18.58 10.92 2.37
N PRO B 171 19.42 11.89 2.83
CA PRO B 171 20.60 11.69 3.69
C PRO B 171 20.32 10.86 4.93
N VAL B 172 19.26 11.23 5.63
CA VAL B 172 18.85 10.51 6.81
C VAL B 172 18.43 9.10 6.45
N CYS B 173 17.69 8.89 5.34
CA CYS B 173 17.30 7.53 4.96
C CYS B 173 18.54 6.64 4.73
N LYS B 174 19.46 7.20 3.98
CA LYS B 174 20.66 6.54 3.57
C LYS B 174 21.51 6.23 4.80
N ASP B 175 21.65 7.13 5.76
CA ASP B 175 22.44 6.88 6.96
C ASP B 175 21.81 5.99 8.03
N SER B 176 20.61 5.44 7.80
CA SER B 176 19.98 4.56 8.76
C SER B 176 20.15 3.10 8.38
N THR B 177 20.73 2.75 7.23
CA THR B 177 20.76 1.35 6.80
C THR B 177 22.08 1.03 6.11
N ARG B 178 22.39 -0.23 5.97
CA ARG B 178 23.54 -0.68 5.23
C ARG B 178 23.06 -1.04 3.84
N ILE B 179 21.74 -1.16 3.55
CA ILE B 179 21.28 -1.49 2.20
C ILE B 179 21.56 -0.30 1.26
N ARG B 180 21.95 -0.58 0.02
CA ARG B 180 22.13 0.46 -0.97
C ARG B 180 20.76 0.99 -1.45
N ILE B 181 20.39 2.22 -1.13
CA ILE B 181 19.10 2.75 -1.58
C ILE B 181 19.19 3.47 -2.94
N THR B 182 18.15 3.42 -3.78
CA THR B 182 18.21 4.00 -5.12
C THR B 182 17.21 5.14 -5.19
N ASP B 183 17.14 5.78 -6.37
CA ASP B 183 16.22 6.86 -6.60
C ASP B 183 14.80 6.37 -6.78
N ASN B 184 14.62 5.07 -6.93
CA ASN B 184 13.31 4.45 -7.03
C ASN B 184 12.74 4.11 -5.66
N MET B 185 13.23 4.66 -4.56
CA MET B 185 12.74 4.36 -3.22
C MET B 185 12.73 5.65 -2.44
N PHE B 186 11.89 5.81 -1.42
CA PHE B 186 12.00 6.94 -0.52
C PHE B 186 11.69 6.34 0.84
N CYS B 187 11.98 6.99 1.97
CA CYS B 187 11.67 6.41 3.28
C CYS B 187 10.82 7.39 4.06
N ALA B 188 10.08 6.90 5.05
CA ALA B 188 9.17 7.72 5.83
C ALA B 188 9.11 7.20 7.25
N GLY B 189 8.80 8.10 8.17
CA GLY B 189 8.72 7.76 9.58
C GLY B 189 9.18 8.95 10.43
N TYR B 190 8.83 8.87 11.72
CA TYR B 190 9.27 9.87 12.67
C TYR B 190 10.71 9.54 13.09
N LYS B 191 11.47 10.61 13.35
CA LYS B 191 12.85 10.55 13.87
C LYS B 191 12.76 10.34 15.38
N PRO B 192 13.75 9.78 16.10
CA PRO B 192 13.62 9.44 17.52
C PRO B 192 13.29 10.63 18.43
N ASP B 193 13.84 11.80 18.08
CA ASP B 193 13.61 13.03 18.81
C ASP B 193 12.19 13.55 18.69
N GLU B 194 11.44 13.23 17.61
CA GLU B 194 10.11 13.78 17.36
C GLU B 194 8.99 13.35 18.29
N GLY B 195 9.17 12.30 19.08
CA GLY B 195 8.15 11.92 20.04
C GLY B 195 6.84 11.38 19.48
N LYS B 196 6.70 11.01 18.19
CA LYS B 196 5.52 10.33 17.71
C LYS B 196 6.10 9.08 17.05
N ARG B 197 5.36 8.00 16.93
CA ARG B 197 5.84 6.72 16.41
C ARG B 197 4.95 6.21 15.27
N GLY B 198 5.27 5.09 14.64
CA GLY B 198 4.37 4.46 13.70
C GLY B 198 5.13 3.85 12.55
N ASP B 199 4.66 2.79 11.94
CA ASP B 199 5.36 2.20 10.81
C ASP B 199 4.47 1.12 10.23
N ALA B 200 4.78 0.72 9.00
CA ALA B 200 4.21 -0.48 8.43
C ALA B 200 4.93 -1.69 9.04
N CYS B 201 4.52 -2.92 8.82
CA CYS B 201 5.20 -4.08 9.40
C CYS B 201 4.86 -5.30 8.55
N GLU B 202 5.17 -6.53 9.02
CA GLU B 202 4.98 -7.74 8.22
C GLU B 202 3.52 -7.92 7.85
N GLY B 203 3.22 -8.24 6.58
CA GLY B 203 1.87 -8.37 6.10
C GLY B 203 1.37 -7.07 5.46
N ASP B 204 2.03 -5.91 5.68
CA ASP B 204 1.61 -4.68 5.02
C ASP B 204 2.23 -4.45 3.65
N SER B 205 3.29 -5.17 3.27
CA SER B 205 3.86 -5.09 1.92
C SER B 205 2.88 -4.97 0.78
N GLY B 206 3.17 -4.19 -0.27
CA GLY B 206 2.32 -4.11 -1.43
C GLY B 206 1.27 -3.04 -1.26
N GLY B 207 0.96 -2.64 -0.03
CA GLY B 207 -0.01 -1.60 0.24
C GLY B 207 0.41 -0.17 -0.11
N PRO B 208 -0.57 0.73 -0.19
CA PRO B 208 -0.37 2.09 -0.69
C PRO B 208 0.14 3.11 0.30
N PHE B 209 1.09 3.98 -0.07
CA PHE B 209 1.40 5.16 0.76
C PHE B 209 0.66 6.25 -0.03
N VAL B 210 -0.30 6.97 0.51
CA VAL B 210 -1.04 7.96 -0.28
C VAL B 210 -0.95 9.33 0.34
N MET B 211 -1.18 10.35 -0.48
CA MET B 211 -1.20 11.74 -0.01
C MET B 211 -2.43 12.44 -0.63
N LYS B 212 -2.99 13.43 0.06
CA LYS B 212 -4.16 14.12 -0.48
C LYS B 212 -3.68 15.44 -1.08
N SER B 213 -3.89 15.69 -2.35
CA SER B 213 -3.48 16.96 -2.92
C SER B 213 -4.25 18.15 -2.32
N PRO B 214 -3.60 19.26 -1.89
CA PRO B 214 -4.29 20.48 -1.50
C PRO B 214 -4.80 21.26 -2.70
N PHE B 215 -4.42 20.92 -3.92
CA PHE B 215 -4.82 21.69 -5.07
C PHE B 215 -6.15 21.24 -5.62
N ASN B 216 -6.43 19.93 -5.64
CA ASN B 216 -7.66 19.44 -6.22
C ASN B 216 -8.42 18.48 -5.35
N ASN B 217 -7.96 18.31 -4.09
CA ASN B 217 -8.56 17.41 -3.12
C ASN B 217 -8.60 15.91 -3.42
N ARG B 218 -7.81 15.42 -4.35
CA ARG B 218 -7.82 14.01 -4.66
C ARG B 218 -6.70 13.29 -3.93
N TRP B 219 -6.86 11.99 -3.73
CA TRP B 219 -5.81 11.17 -3.11
C TRP B 219 -4.98 10.53 -4.21
N TYR B 220 -3.67 10.62 -4.05
CA TYR B 220 -2.71 10.11 -5.02
C TYR B 220 -1.86 9.03 -4.36
N GLN B 221 -1.53 7.96 -5.04
CA GLN B 221 -0.66 6.94 -4.45
C GLN B 221 0.80 7.29 -4.79
N MET B 222 1.62 7.66 -3.80
CA MET B 222 3.01 8.04 -4.05
C MET B 222 3.98 6.89 -3.81
N GLY B 223 3.66 5.94 -2.92
CA GLY B 223 4.58 4.85 -2.58
C GLY B 223 3.90 3.50 -2.52
N ILE B 224 4.66 2.40 -2.50
CA ILE B 224 4.16 1.04 -2.28
C ILE B 224 4.98 0.53 -1.09
N VAL B 225 4.41 -0.02 -0.01
CA VAL B 225 5.18 -0.59 1.12
C VAL B 225 6.16 -1.65 0.57
N SER B 226 7.44 -1.47 0.84
CA SER B 226 8.40 -2.35 0.23
C SER B 226 9.24 -3.07 1.26
N TRP B 227 10.01 -2.39 2.11
CA TRP B 227 10.89 -3.07 3.04
C TRP B 227 11.26 -2.19 4.20
N GLY B 228 11.82 -2.82 5.22
CA GLY B 228 12.24 -2.11 6.41
C GLY B 228 13.05 -3.09 7.27
N GLU B 229 13.73 -2.65 8.31
CA GLU B 229 14.51 -3.56 9.16
C GLU B 229 13.81 -3.44 10.49
N GLY B 230 13.04 -4.46 10.79
CA GLY B 230 12.20 -4.39 11.97
C GLY B 230 10.95 -3.57 11.67
N CYS B 231 10.18 -3.19 12.70
CA CYS B 231 8.97 -2.42 12.55
C CYS B 231 9.01 -1.44 13.70
N ASP B 232 8.94 -0.17 13.37
CA ASP B 232 8.95 0.94 14.29
C ASP B 232 10.15 1.00 15.27
N ARG B 233 11.34 0.70 14.78
CA ARG B 233 12.53 0.78 15.63
C ARG B 233 13.03 2.21 15.59
N ASP B 234 13.44 2.84 16.69
CA ASP B 234 13.97 4.20 16.67
C ASP B 234 15.20 4.32 15.78
N GLY B 235 15.33 5.39 15.01
CA GLY B 235 16.44 5.56 14.11
C GLY B 235 16.34 4.73 12.84
N LYS B 236 15.31 3.88 12.66
CA LYS B 236 15.13 3.12 11.43
C LYS B 236 13.90 3.66 10.70
N TYR B 237 13.69 3.44 9.41
CA TYR B 237 12.57 4.03 8.68
C TYR B 237 11.97 3.03 7.71
N GLY B 238 10.71 3.21 7.30
CA GLY B 238 10.13 2.29 6.34
C GLY B 238 10.54 2.77 4.95
N PHE B 239 10.73 1.86 3.99
CA PHE B 239 11.08 2.21 2.61
C PHE B 239 9.96 1.79 1.69
N TYR B 240 9.76 2.62 0.68
CA TYR B 240 8.61 2.52 -0.21
C TYR B 240 9.01 2.61 -1.66
N THR B 241 8.40 1.88 -2.59
CA THR B 241 8.67 2.06 -4.01
C THR B 241 8.14 3.43 -4.46
N HIS B 242 8.97 4.18 -5.18
CA HIS B 242 8.62 5.51 -5.66
C HIS B 242 7.76 5.34 -6.90
N VAL B 243 6.44 5.42 -6.79
CA VAL B 243 5.52 5.10 -7.89
C VAL B 243 5.72 6.07 -9.06
N PHE B 244 5.90 7.37 -8.87
CA PHE B 244 6.08 8.25 -10.02
C PHE B 244 7.35 7.95 -10.88
N ARG B 245 8.50 7.57 -10.30
CA ARG B 245 9.69 7.16 -11.07
C ARG B 245 9.39 5.93 -11.91
N LEU B 246 8.43 5.06 -11.55
CA LEU B 246 8.15 3.88 -12.36
C LEU B 246 6.86 3.97 -13.18
N LYS B 247 6.32 5.18 -13.31
CA LYS B 247 5.07 5.37 -13.98
C LYS B 247 5.16 5.07 -15.47
N LYS B 248 6.28 5.35 -16.13
CA LYS B 248 6.36 5.04 -17.55
C LYS B 248 6.24 3.54 -17.79
N TRP B 249 6.78 2.67 -16.93
CA TRP B 249 6.56 1.25 -17.10
C TRP B 249 5.07 0.95 -16.87
N ILE B 250 4.40 1.57 -15.88
CA ILE B 250 2.99 1.29 -15.61
C ILE B 250 2.15 1.62 -16.85
N GLN B 251 2.27 2.84 -17.39
CA GLN B 251 1.54 3.27 -18.57
C GLN B 251 1.74 2.34 -19.76
N LYS B 252 2.98 1.95 -20.00
CA LYS B 252 3.34 1.04 -21.06
C LYS B 252 2.59 -0.28 -20.96
N VAL B 253 2.66 -0.94 -19.80
CA VAL B 253 1.98 -2.20 -19.60
C VAL B 253 0.47 -2.08 -19.82
N ILE B 254 -0.16 -1.04 -19.30
CA ILE B 254 -1.58 -0.91 -19.45
C ILE B 254 -1.91 -0.62 -20.91
N ASP B 255 -1.12 0.19 -21.63
CA ASP B 255 -1.42 0.49 -23.02
C ASP B 255 -1.23 -0.68 -23.97
N GLN B 256 -0.33 -1.57 -23.62
CA GLN B 256 -0.01 -2.70 -24.46
C GLN B 256 -0.89 -3.91 -24.18
N PHE B 257 -1.24 -4.12 -22.92
CA PHE B 257 -1.94 -5.34 -22.54
C PHE B 257 -3.35 -5.20 -22.00
N GLY B 258 -3.82 -3.96 -21.86
CA GLY B 258 -5.15 -3.73 -21.33
C GLY B 258 -6.14 -3.54 -22.47
N GLU B 259 -7.12 -4.28 -22.55
N PRO C 3 12.22 -7.72 3.04
CA PRO C 3 10.88 -7.59 2.47
C PRO C 3 9.80 -7.51 3.54
N ASP C 7 -6.79 -17.86 10.77
CA ASP C 7 -8.10 -17.68 11.33
C ASP C 7 -9.05 -17.03 10.31
N PHE C 8 -8.87 -17.27 9.02
CA PHE C 8 -9.67 -16.60 8.02
C PHE C 8 -10.90 -17.44 7.83
N GLU C 9 -12.04 -16.74 7.72
CA GLU C 9 -13.31 -17.41 7.51
C GLU C 9 -13.35 -17.83 6.05
N PRO C 10 -13.80 -19.05 5.67
CA PRO C 10 -13.79 -19.52 4.29
C PRO C 10 -14.67 -18.71 3.39
N ILE C 11 -14.07 -18.48 2.24
CA ILE C 11 -14.76 -17.76 1.21
C ILE C 11 -15.20 -18.84 0.24
N PRO C 12 -16.28 -18.62 -0.52
CA PRO C 12 -16.60 -19.35 -1.73
C PRO C 12 -15.63 -19.09 -2.88
N LEU C 13 -14.96 -20.03 -3.31
#